data_6KZL
#
_entry.id   6KZL
#
_cell.length_a   70.720
_cell.length_b   74.040
_cell.length_c   77.430
_cell.angle_alpha   90.000
_cell.angle_beta   90.000
_cell.angle_gamma   90.000
#
_symmetry.space_group_name_H-M   'P 21 21 21'
#
loop_
_entity.id
_entity.type
_entity.pdbx_description
1 polymer Beta-lactamase
2 non-polymer 'ZINC ION'
3 non-polymer 'SULFATE ION'
4 non-polymer '2,5-diethyl-1-methyl-4-sulfamoyl-pyrrole-3-carboxylic acid'
5 water water
#
_entity_poly.entity_id   1
_entity_poly.type   'polypeptide(L)'
_entity_poly.pdbx_seq_one_letter_code
;GSHMGEIRPTIGQQMETGDQRFGDLVFRQLAPNVWQHTSYLDMPGFGAVASNGLIVRDGGRVLVVDTAWTDDQTAQILNW
IKQEINLPVALAVVTHAHQDKMGGMDALHAAGIATYANALSNQLAPQEGMVAAQHSLTFAANGWVEPATAPNFGPLKVFY
PGPGHTSDNITVGIDGTDIAFGGCLIKDSKAKSLGNLGDADTEHYAASARAFGAAFPKASMIVMSHSAPDSRAAITHTAR
MADKLR
;
_entity_poly.pdbx_strand_id   A,B
#
loop_
_chem_comp.id
_chem_comp.type
_chem_comp.name
_chem_comp.formula
E1C non-polymer '2,5-diethyl-1-methyl-4-sulfamoyl-pyrrole-3-carboxylic acid' 'C10 H16 N2 O4 S'
SO4 non-polymer 'SULFATE ION' 'O4 S -2'
ZN non-polymer 'ZINC ION' 'Zn 2'
#
# COMPACT_ATOMS: atom_id res chain seq x y z
N GLY A 1 2.52 9.34 -19.04
CA GLY A 1 2.47 8.56 -17.78
C GLY A 1 1.06 8.48 -17.22
N SER A 2 0.37 9.62 -17.13
CA SER A 2 -0.96 9.73 -16.47
C SER A 2 -2.03 9.00 -17.31
N HIS A 3 -3.00 8.39 -16.63
CA HIS A 3 -4.14 7.70 -17.27
C HIS A 3 -4.92 8.71 -18.14
N MET A 4 -4.72 10.01 -17.90
CA MET A 4 -5.50 11.09 -18.56
C MET A 4 -4.67 11.71 -19.69
N GLY A 5 -3.38 11.39 -19.78
CA GLY A 5 -2.47 11.86 -20.84
C GLY A 5 -2.09 13.32 -20.68
N ARG A 8 -8.01 19.57 -20.42
CA ARG A 8 -9.38 19.99 -20.86
C ARG A 8 -10.10 20.64 -19.69
N PRO A 9 -9.49 21.66 -19.04
CA PRO A 9 -10.11 22.35 -17.92
C PRO A 9 -11.40 23.03 -18.40
N THR A 10 -12.45 23.01 -17.59
CA THR A 10 -13.75 23.66 -17.92
C THR A 10 -14.33 24.32 -16.66
N ILE A 11 -15.58 24.79 -16.73
CA ILE A 11 -16.36 25.37 -15.60
C ILE A 11 -17.55 24.45 -15.30
N GLY A 12 -17.96 24.36 -14.04
CA GLY A 12 -19.23 23.74 -13.63
C GLY A 12 -20.42 24.57 -14.06
N GLN A 13 -21.53 23.91 -14.44
CA GLN A 13 -22.76 24.58 -14.96
C GLN A 13 -23.75 24.81 -13.81
N GLN A 14 -23.89 23.83 -12.90
CA GLN A 14 -24.96 23.76 -11.87
C GLN A 14 -24.64 24.74 -10.72
N MET A 15 -24.64 26.04 -11.01
CA MET A 15 -24.04 27.12 -10.18
C MET A 15 -24.24 26.78 -8.69
N GLU A 16 -25.48 26.81 -8.20
CA GLU A 16 -25.86 26.53 -6.79
C GLU A 16 -25.66 27.78 -5.94
N THR A 17 -26.52 27.98 -4.94
CA THR A 17 -26.84 29.30 -4.31
C THR A 17 -25.68 29.74 -3.41
N GLY A 18 -25.24 28.87 -2.49
CA GLY A 18 -24.26 29.20 -1.43
C GLY A 18 -22.84 28.94 -1.88
N ASP A 19 -22.65 28.50 -3.13
CA ASP A 19 -21.31 28.24 -3.73
C ASP A 19 -20.75 29.53 -4.31
N GLN A 20 -19.42 29.68 -4.24
CA GLN A 20 -18.69 30.87 -4.72
C GLN A 20 -17.85 30.45 -5.94
N ARG A 21 -18.09 31.11 -7.07
CA ARG A 21 -17.26 30.96 -8.30
C ARG A 21 -16.01 31.82 -8.13
N PHE A 22 -14.84 31.26 -8.37
CA PHE A 22 -13.54 31.99 -8.36
C PHE A 22 -12.68 31.43 -9.49
N GLY A 23 -12.43 32.24 -10.52
CA GLY A 23 -12.09 31.76 -11.86
C GLY A 23 -12.95 30.56 -12.22
N ASP A 24 -12.33 29.45 -12.60
CA ASP A 24 -13.04 28.25 -13.13
C ASP A 24 -13.29 27.28 -11.97
N LEU A 25 -13.04 27.70 -10.73
CA LEU A 25 -13.21 26.82 -9.56
C LEU A 25 -14.46 27.21 -8.77
N VAL A 26 -14.90 26.31 -7.91
CA VAL A 26 -16.07 26.52 -7.00
C VAL A 26 -15.67 26.21 -5.56
N PHE A 27 -16.09 27.08 -4.65
CA PHE A 27 -15.78 26.96 -3.20
C PHE A 27 -17.10 26.96 -2.42
N ARG A 28 -17.22 26.02 -1.48
CA ARG A 28 -18.39 25.92 -0.59
C ARG A 28 -17.90 25.82 0.87
N GLN A 29 -18.36 26.72 1.73
CA GLN A 29 -18.11 26.61 3.19
C GLN A 29 -18.96 25.47 3.77
N LEU A 30 -18.32 24.48 4.40
CA LEU A 30 -19.02 23.31 4.99
C LEU A 30 -19.18 23.52 6.50
N ALA A 31 -18.27 24.29 7.10
CA ALA A 31 -18.20 24.55 8.55
C ALA A 31 -17.46 25.86 8.75
N PRO A 32 -17.51 26.47 9.95
CA PRO A 32 -16.81 27.73 10.20
C PRO A 32 -15.35 27.74 9.73
N ASN A 33 -14.65 26.61 9.84
CA ASN A 33 -13.20 26.52 9.49
C ASN A 33 -12.93 25.52 8.36
N VAL A 34 -13.93 25.10 7.60
CA VAL A 34 -13.74 24.08 6.53
C VAL A 34 -14.49 24.50 5.27
N TRP A 35 -13.80 24.45 4.14
CA TRP A 35 -14.37 24.69 2.81
C TRP A 35 -14.06 23.52 1.89
N GLN A 36 -14.96 23.27 0.94
CA GLN A 36 -14.72 22.33 -0.17
C GLN A 36 -14.25 23.12 -1.39
N HIS A 37 -13.13 22.72 -1.98
CA HIS A 37 -12.67 23.25 -3.28
C HIS A 37 -13.10 22.27 -4.37
N THR A 38 -13.52 22.81 -5.52
CA THR A 38 -13.99 22.00 -6.67
C THR A 38 -13.35 22.54 -7.95
N SER A 39 -12.76 21.64 -8.71
CA SER A 39 -12.22 21.91 -10.06
C SER A 39 -12.83 20.92 -11.04
N TYR A 40 -12.81 21.27 -12.33
CA TYR A 40 -13.57 20.58 -13.40
C TYR A 40 -12.65 20.31 -14.59
N LEU A 41 -12.72 19.08 -15.09
CA LEU A 41 -12.15 18.65 -16.39
C LEU A 41 -13.31 18.26 -17.30
N ASP A 42 -13.35 18.77 -18.54
CA ASP A 42 -14.29 18.26 -19.57
C ASP A 42 -13.73 16.93 -20.08
N MET A 43 -14.50 15.87 -19.89
CA MET A 43 -14.20 14.52 -20.46
C MET A 43 -15.28 14.19 -21.47
N PRO A 44 -14.87 14.01 -22.75
CA PRO A 44 -15.83 13.77 -23.84
C PRO A 44 -16.84 12.70 -23.44
N GLY A 45 -18.13 13.03 -23.55
CA GLY A 45 -19.24 12.11 -23.27
C GLY A 45 -19.71 12.17 -21.82
N PHE A 46 -19.00 12.91 -20.97
CA PHE A 46 -19.30 12.95 -19.50
C PHE A 46 -19.26 14.37 -18.95
N GLY A 47 -19.14 15.37 -19.82
CA GLY A 47 -19.25 16.80 -19.47
C GLY A 47 -18.16 17.23 -18.52
N ALA A 48 -18.46 18.23 -17.69
CA ALA A 48 -17.58 18.79 -16.63
C ALA A 48 -17.54 17.80 -15.44
N VAL A 49 -16.40 17.14 -15.25
CA VAL A 49 -16.21 16.16 -14.14
C VAL A 49 -15.60 16.89 -12.95
N ALA A 50 -16.34 16.98 -11.85
CA ALA A 50 -15.91 17.64 -10.60
C ALA A 50 -14.87 16.76 -9.91
N SER A 51 -13.82 17.36 -9.36
CA SER A 51 -13.01 16.78 -8.27
C SER A 51 -13.05 17.73 -7.07
N ASN A 52 -13.35 17.18 -5.89
CA ASN A 52 -13.46 17.96 -4.63
C ASN A 52 -12.28 17.67 -3.71
N GLY A 53 -11.76 18.70 -3.07
CA GLY A 53 -10.88 18.56 -1.89
C GLY A 53 -11.33 19.49 -0.78
N LEU A 54 -10.49 19.66 0.23
CA LEU A 54 -10.86 20.42 1.44
C LEU A 54 -9.80 21.49 1.72
N ILE A 55 -10.26 22.59 2.31
CA ILE A 55 -9.43 23.67 2.92
C ILE A 55 -9.88 23.80 4.38
N VAL A 56 -8.91 23.74 5.30
CA VAL A 56 -9.19 23.77 6.76
C VAL A 56 -8.40 24.93 7.34
N ARG A 57 -9.07 25.83 8.06
CA ARG A 57 -8.40 26.87 8.88
C ARG A 57 -8.16 26.30 10.27
N ASP A 58 -6.91 26.36 10.74
CA ASP A 58 -6.48 25.82 12.06
C ASP A 58 -5.59 26.86 12.73
N GLY A 59 -6.15 27.63 13.66
CA GLY A 59 -5.52 28.84 14.20
C GLY A 59 -5.05 29.73 13.07
N GLY A 60 -3.75 29.99 13.00
CA GLY A 60 -3.17 30.97 12.07
C GLY A 60 -2.65 30.30 10.81
N ARG A 61 -3.10 29.06 10.55
CA ARG A 61 -2.62 28.21 9.42
C ARG A 61 -3.81 27.76 8.59
N VAL A 62 -3.57 27.51 7.31
CA VAL A 62 -4.50 26.78 6.43
C VAL A 62 -3.86 25.44 6.02
N LEU A 63 -4.67 24.39 6.05
CA LEU A 63 -4.27 23.02 5.62
C LEU A 63 -5.12 22.63 4.42
N VAL A 64 -4.50 22.05 3.40
CA VAL A 64 -5.23 21.66 2.16
C VAL A 64 -5.21 20.13 2.04
N VAL A 65 -6.36 19.57 1.68
CA VAL A 65 -6.51 18.16 1.26
C VAL A 65 -6.79 18.14 -0.25
N ASP A 66 -5.83 17.57 -1.00
CA ASP A 66 -5.90 17.26 -2.44
C ASP A 66 -5.63 18.51 -3.27
N THR A 67 -4.92 18.33 -4.37
CA THR A 67 -4.80 19.36 -5.43
C THR A 67 -6.11 19.40 -6.23
N ALA A 68 -6.20 20.34 -7.15
CA ALA A 68 -7.13 20.31 -8.31
C ALA A 68 -6.59 19.36 -9.37
N TRP A 69 -7.33 19.14 -10.47
CA TRP A 69 -6.86 18.34 -11.62
C TRP A 69 -5.53 18.88 -12.16
N THR A 70 -5.36 20.21 -12.22
CA THR A 70 -4.20 20.83 -12.91
C THR A 70 -3.45 21.79 -11.99
N ASP A 71 -2.20 22.09 -12.36
CA ASP A 71 -1.37 23.15 -11.74
C ASP A 71 -2.14 24.48 -11.76
N ASP A 72 -2.62 24.93 -12.92
CA ASP A 72 -3.26 26.27 -13.07
C ASP A 72 -4.46 26.35 -12.10
N GLN A 73 -5.27 25.30 -12.02
CA GLN A 73 -6.43 25.22 -11.09
C GLN A 73 -5.95 25.27 -9.64
N THR A 74 -4.86 24.56 -9.32
CA THR A 74 -4.34 24.49 -7.93
C THR A 74 -3.83 25.88 -7.50
N ALA A 75 -3.15 26.59 -8.41
CA ALA A 75 -2.73 27.99 -8.17
C ALA A 75 -3.93 28.85 -7.75
N GLN A 76 -5.07 28.66 -8.41
CA GLN A 76 -6.32 29.43 -8.12
C GLN A 76 -6.85 29.06 -6.73
N ILE A 77 -6.68 27.82 -6.26
CA ILE A 77 -7.01 27.47 -4.85
C ILE A 77 -6.17 28.37 -3.93
N LEU A 78 -4.87 28.49 -4.21
CA LEU A 78 -3.97 29.31 -3.36
C LEU A 78 -4.41 30.79 -3.40
N ASN A 79 -4.79 31.27 -4.58
CA ASN A 79 -5.30 32.65 -4.78
C ASN A 79 -6.56 32.86 -3.94
N TRP A 80 -7.52 31.93 -4.04
CA TRP A 80 -8.78 31.99 -3.26
C TRP A 80 -8.46 32.03 -1.77
N ILE A 81 -7.55 31.17 -1.30
CA ILE A 81 -7.19 31.12 0.15
C ILE A 81 -6.66 32.51 0.55
N LYS A 82 -5.80 33.10 -0.28
CA LYS A 82 -5.21 34.42 0.03
C LYS A 82 -6.33 35.47 0.18
N GLN A 83 -7.29 35.45 -0.73
CA GLN A 83 -8.41 36.43 -0.73
C GLN A 83 -9.32 36.21 0.50
N GLU A 84 -9.79 34.98 0.70
CA GLU A 84 -10.96 34.68 1.56
C GLU A 84 -10.49 34.41 3.00
N ILE A 85 -9.24 33.96 3.19
CA ILE A 85 -8.75 33.53 4.54
C ILE A 85 -7.51 34.34 4.93
N ASN A 86 -6.57 34.55 4.00
CA ASN A 86 -5.37 35.38 4.23
C ASN A 86 -4.61 34.83 5.45
N LEU A 87 -4.43 33.51 5.51
CA LEU A 87 -3.41 32.82 6.35
C LEU A 87 -2.53 31.97 5.44
N PRO A 88 -1.26 31.77 5.82
CA PRO A 88 -0.34 30.96 5.04
C PRO A 88 -0.81 29.50 5.03
N VAL A 89 -0.57 28.82 3.90
CA VAL A 89 -0.84 27.36 3.76
C VAL A 89 0.36 26.60 4.29
N ALA A 90 0.19 25.93 5.44
CA ALA A 90 1.29 25.28 6.19
C ALA A 90 1.60 23.93 5.55
N LEU A 91 0.61 23.26 4.97
CA LEU A 91 0.85 21.95 4.33
C LEU A 91 -0.37 21.51 3.53
N ALA A 92 -0.15 20.57 2.62
CA ALA A 92 -1.20 19.85 1.87
C ALA A 92 -0.96 18.36 2.03
N VAL A 93 -2.06 17.62 2.10
CA VAL A 93 -1.99 16.14 2.04
CA VAL A 93 -2.10 16.13 2.11
C VAL A 93 -2.85 15.72 0.84
N VAL A 94 -2.32 14.79 0.05
CA VAL A 94 -3.00 14.32 -1.17
C VAL A 94 -3.32 12.83 -1.00
N THR A 95 -4.48 12.38 -1.48
CA THR A 95 -5.14 11.17 -0.96
C THR A 95 -4.97 9.97 -1.89
N HIS A 96 -4.40 10.14 -3.09
CA HIS A 96 -3.77 9.03 -3.87
C HIS A 96 -3.17 9.58 -5.16
N ALA A 97 -2.38 8.76 -5.86
CA ALA A 97 -1.61 9.18 -7.05
C ALA A 97 -2.52 9.04 -8.28
N HIS A 98 -3.54 9.88 -8.41
CA HIS A 98 -4.35 10.07 -9.64
C HIS A 98 -4.44 11.56 -9.94
N GLN A 99 -4.76 11.90 -11.19
CA GLN A 99 -4.72 13.28 -11.75
C GLN A 99 -5.57 14.21 -10.87
N ASP A 100 -6.73 13.74 -10.41
CA ASP A 100 -7.72 14.59 -9.72
C ASP A 100 -7.16 15.01 -8.35
N LYS A 101 -6.25 14.22 -7.76
CA LYS A 101 -5.80 14.39 -6.36
C LYS A 101 -4.38 14.98 -6.32
N MET A 102 -3.55 14.71 -7.33
CA MET A 102 -2.11 15.09 -7.32
C MET A 102 -1.72 15.85 -8.59
N GLY A 103 -2.67 16.16 -9.49
CA GLY A 103 -2.34 16.81 -10.78
C GLY A 103 -1.68 18.17 -10.59
N GLY A 104 -1.89 18.82 -9.45
CA GLY A 104 -1.46 20.21 -9.23
C GLY A 104 -0.30 20.32 -8.26
N MET A 105 0.44 19.24 -8.03
CA MET A 105 1.55 19.24 -7.05
C MET A 105 2.52 20.38 -7.36
N ASP A 106 2.85 20.62 -8.63
CA ASP A 106 3.86 21.64 -8.98
C ASP A 106 3.42 23.01 -8.45
N ALA A 107 2.13 23.34 -8.51
CA ALA A 107 1.62 24.64 -8.01
C ALA A 107 1.92 24.75 -6.51
N LEU A 108 1.75 23.67 -5.74
CA LEU A 108 2.03 23.70 -4.28
C LEU A 108 3.53 23.88 -4.04
N HIS A 109 4.37 23.15 -4.78
CA HIS A 109 5.83 23.16 -4.59
C HIS A 109 6.40 24.53 -5.00
N ALA A 110 5.88 25.09 -6.09
CA ALA A 110 6.25 26.45 -6.58
C ALA A 110 6.04 27.45 -5.45
N ALA A 111 4.97 27.27 -4.66
CA ALA A 111 4.55 28.20 -3.58
C ALA A 111 5.23 27.86 -2.26
N GLY A 112 6.10 26.85 -2.21
CA GLY A 112 6.88 26.52 -1.00
C GLY A 112 6.06 25.82 0.06
N ILE A 113 4.97 25.17 -0.36
CA ILE A 113 4.05 24.43 0.57
C ILE A 113 4.54 22.99 0.73
N ALA A 114 4.77 22.58 1.97
CA ALA A 114 5.15 21.20 2.33
C ALA A 114 3.99 20.26 1.96
N THR A 115 4.27 19.21 1.20
CA THR A 115 3.25 18.24 0.72
C THR A 115 3.53 16.88 1.33
N TYR A 116 2.45 16.15 1.60
CA TYR A 116 2.46 14.83 2.27
C TYR A 116 1.55 13.90 1.48
N ALA A 117 1.99 12.65 1.31
CA ALA A 117 1.15 11.58 0.75
C ALA A 117 1.52 10.27 1.43
N ASN A 118 0.64 9.29 1.32
CA ASN A 118 1.00 7.87 1.58
C ASN A 118 2.36 7.61 0.93
N ALA A 119 3.30 7.01 1.66
CA ALA A 119 4.57 6.56 1.06
C ALA A 119 4.28 5.84 -0.26
N LEU A 120 3.25 4.99 -0.31
CA LEU A 120 2.92 4.21 -1.54
C LEU A 120 2.51 5.15 -2.68
N SER A 121 1.77 6.22 -2.40
CA SER A 121 1.39 7.26 -3.40
C SER A 121 2.68 7.86 -4.01
N ASN A 122 3.67 8.17 -3.17
CA ASN A 122 4.93 8.77 -3.66
C ASN A 122 5.68 7.73 -4.49
N GLN A 123 5.62 6.47 -4.09
CA GLN A 123 6.30 5.36 -4.81
C GLN A 123 5.64 5.18 -6.18
N LEU A 124 4.32 5.34 -6.28
CA LEU A 124 3.54 5.07 -7.51
C LEU A 124 3.54 6.31 -8.41
N ALA A 125 3.89 7.47 -7.87
CA ALA A 125 3.67 8.78 -8.53
C ALA A 125 4.30 8.76 -9.92
N PRO A 126 5.58 8.37 -10.07
CA PRO A 126 6.24 8.37 -11.38
C PRO A 126 5.47 7.57 -12.44
N GLN A 127 5.05 6.35 -12.09
CA GLN A 127 4.26 5.47 -12.98
C GLN A 127 2.93 6.13 -13.34
N GLU A 128 2.34 6.87 -12.40
CA GLU A 128 0.99 7.48 -12.55
C GLU A 128 1.14 8.87 -13.18
N GLY A 129 2.36 9.30 -13.50
CA GLY A 129 2.61 10.59 -14.17
C GLY A 129 2.35 11.77 -13.24
N MET A 130 2.49 11.55 -11.92
CA MET A 130 2.32 12.60 -10.88
C MET A 130 3.70 12.95 -10.32
N VAL A 131 3.83 14.19 -9.85
CA VAL A 131 4.98 14.66 -9.02
C VAL A 131 4.76 14.15 -7.60
N ALA A 132 5.75 13.46 -7.04
CA ALA A 132 5.69 12.95 -5.65
C ALA A 132 5.58 14.12 -4.68
N ALA A 133 4.86 13.93 -3.58
CA ALA A 133 4.88 14.83 -2.41
C ALA A 133 6.30 14.86 -1.83
N GLN A 134 6.60 15.90 -1.05
CA GLN A 134 7.94 16.12 -0.43
C GLN A 134 8.12 15.12 0.71
N HIS A 135 7.02 14.65 1.31
CA HIS A 135 7.06 13.82 2.54
C HIS A 135 6.12 12.63 2.43
N SER A 136 6.44 11.55 3.12
CA SER A 136 5.68 10.28 3.07
C SER A 136 5.06 9.98 4.43
N LEU A 137 3.77 9.67 4.42
CA LEU A 137 3.00 9.15 5.57
C LEU A 137 3.17 7.63 5.59
N THR A 138 3.33 7.06 6.78
CA THR A 138 3.24 5.59 6.98
C THR A 138 2.11 5.30 7.98
N PHE A 139 1.66 4.05 8.01
CA PHE A 139 0.42 3.66 8.70
C PHE A 139 0.70 2.46 9.59
N ALA A 140 0.02 2.41 10.74
CA ALA A 140 -0.05 1.25 11.65
C ALA A 140 -0.94 0.17 11.02
N ALA A 141 -0.89 -1.03 11.59
CA ALA A 141 -1.60 -2.22 11.08
C ALA A 141 -3.11 -2.01 11.21
N ASN A 142 -3.55 -1.03 12.04
CA ASN A 142 -4.98 -0.71 12.24
C ASN A 142 -5.43 0.42 11.30
N GLY A 143 -4.55 0.90 10.41
CA GLY A 143 -4.86 1.91 9.38
C GLY A 143 -4.55 3.34 9.82
N TRP A 144 -4.39 3.60 11.12
CA TRP A 144 -4.13 4.98 11.60
C TRP A 144 -2.73 5.43 11.20
N VAL A 145 -2.59 6.68 10.76
CA VAL A 145 -1.28 7.27 10.41
C VAL A 145 -0.33 7.14 11.62
N GLU A 146 0.92 6.80 11.37
CA GLU A 146 2.02 6.91 12.35
C GLU A 146 2.24 8.39 12.63
N PRO A 147 1.87 8.88 13.84
CA PRO A 147 1.87 10.32 14.10
C PRO A 147 3.21 11.04 13.85
N ALA A 148 4.35 10.35 13.99
CA ALA A 148 5.67 10.94 13.71
C ALA A 148 5.78 11.35 12.23
N THR A 149 4.95 10.76 11.35
CA THR A 149 5.00 10.99 9.88
C THR A 149 3.99 12.07 9.46
N ALA A 150 3.17 12.53 10.40
CA ALA A 150 2.14 13.57 10.16
C ALA A 150 2.43 14.80 11.01
N PRO A 151 3.60 15.46 10.82
CA PRO A 151 3.98 16.59 11.67
C PRO A 151 3.05 17.81 11.55
N ASN A 152 2.52 18.25 12.69
CA ASN A 152 1.71 19.49 12.83
C ASN A 152 0.46 19.40 11.93
N PHE A 153 -0.13 18.21 11.81
CA PHE A 153 -1.34 17.99 10.98
C PHE A 153 -2.57 18.58 11.70
N GLY A 154 -2.46 18.88 12.99
CA GLY A 154 -3.57 19.51 13.73
C GLY A 154 -4.84 18.69 13.60
N PRO A 155 -5.96 19.28 13.10
CA PRO A 155 -7.23 18.56 13.06
C PRO A 155 -7.31 17.48 11.96
N LEU A 156 -6.37 17.44 11.01
CA LEU A 156 -6.36 16.39 9.96
C LEU A 156 -5.98 15.04 10.57
N LYS A 157 -6.93 14.12 10.63
CA LYS A 157 -6.75 12.75 11.18
CA LYS A 157 -6.71 12.77 11.19
C LYS A 157 -6.72 11.76 10.03
N VAL A 158 -5.54 11.30 9.65
CA VAL A 158 -5.35 10.54 8.39
C VAL A 158 -5.48 9.04 8.70
N PHE A 159 -6.27 8.35 7.90
CA PHE A 159 -6.60 6.92 8.05
C PHE A 159 -6.43 6.23 6.69
N TYR A 160 -5.63 5.18 6.65
CA TYR A 160 -5.53 4.24 5.50
C TYR A 160 -6.51 3.09 5.71
N PRO A 161 -7.61 3.01 4.94
CA PRO A 161 -8.68 2.06 5.21
C PRO A 161 -8.42 0.67 4.61
N GLY A 162 -7.33 0.53 3.85
CA GLY A 162 -7.04 -0.65 3.03
C GLY A 162 -7.24 -0.36 1.55
N PRO A 163 -6.81 -1.30 0.68
CA PRO A 163 -6.93 -1.14 -0.77
C PRO A 163 -8.40 -1.09 -1.19
N GLY A 164 -8.73 -0.17 -2.09
CA GLY A 164 -10.10 -0.06 -2.64
C GLY A 164 -10.10 0.59 -4.00
N HIS A 165 -10.38 1.90 -4.03
CA HIS A 165 -10.34 2.69 -5.29
C HIS A 165 -8.95 2.52 -5.92
N THR A 166 -7.91 2.61 -5.10
CA THR A 166 -6.51 2.23 -5.44
C THR A 166 -5.89 1.56 -4.22
N SER A 167 -4.69 1.02 -4.38
N SER A 167 -4.71 0.97 -4.40
CA SER A 167 -3.94 0.40 -3.25
CA SER A 167 -3.91 0.39 -3.30
C SER A 167 -3.42 1.47 -2.31
C SER A 167 -3.55 1.48 -2.29
N ASP A 168 -3.36 2.73 -2.75
CA ASP A 168 -2.71 3.82 -1.97
C ASP A 168 -3.74 4.79 -1.39
N ASN A 169 -5.04 4.62 -1.65
CA ASN A 169 -6.07 5.60 -1.21
C ASN A 169 -6.01 5.81 0.31
N ILE A 170 -6.00 7.07 0.74
CA ILE A 170 -6.12 7.41 2.18
C ILE A 170 -7.34 8.30 2.37
N THR A 171 -7.76 8.42 3.62
CA THR A 171 -8.95 9.20 4.02
C THR A 171 -8.58 10.11 5.17
N VAL A 172 -9.37 11.17 5.40
CA VAL A 172 -9.00 12.25 6.35
C VAL A 172 -10.25 12.65 7.13
N GLY A 173 -10.24 12.45 8.44
CA GLY A 173 -11.21 13.05 9.37
C GLY A 173 -10.80 14.48 9.72
N ILE A 174 -11.77 15.37 9.88
CA ILE A 174 -11.48 16.76 10.34
C ILE A 174 -11.94 16.86 11.80
N ASP A 175 -10.99 16.71 12.72
CA ASP A 175 -11.24 16.75 14.19
C ASP A 175 -11.94 18.07 14.53
N GLY A 176 -12.88 18.02 15.47
CA GLY A 176 -13.63 19.21 15.93
C GLY A 176 -14.79 19.53 15.01
N THR A 177 -15.05 18.71 14.00
CA THR A 177 -16.18 18.90 13.05
C THR A 177 -16.91 17.56 12.87
N ASP A 178 -18.02 17.58 12.13
CA ASP A 178 -18.80 16.36 11.79
CA ASP A 178 -18.79 16.35 11.80
C ASP A 178 -18.36 15.83 10.43
N ILE A 179 -17.22 16.29 9.92
CA ILE A 179 -16.76 16.07 8.52
C ILE A 179 -15.73 14.94 8.48
N ALA A 180 -15.90 14.01 7.54
CA ALA A 180 -14.83 13.07 7.13
C ALA A 180 -14.75 13.04 5.60
N PHE A 181 -13.53 12.93 5.10
CA PHE A 181 -13.21 12.97 3.64
C PHE A 181 -12.87 11.56 3.20
N GLY A 182 -13.70 10.98 2.32
CA GLY A 182 -13.50 9.62 1.79
C GLY A 182 -12.71 9.63 0.49
N GLY A 183 -12.46 10.81 -0.08
CA GLY A 183 -11.86 10.98 -1.40
C GLY A 183 -12.57 10.13 -2.44
N CYS A 184 -11.82 9.38 -3.23
CA CYS A 184 -12.39 8.64 -4.39
C CYS A 184 -12.86 7.24 -3.96
N LEU A 185 -12.56 6.83 -2.74
CA LEU A 185 -13.03 5.54 -2.18
C LEU A 185 -14.56 5.52 -2.10
N ILE A 186 -15.16 6.63 -1.67
CA ILE A 186 -16.61 6.72 -1.36
C ILE A 186 -17.30 7.44 -2.51
N LYS A 187 -18.39 6.86 -3.03
CA LYS A 187 -19.32 7.50 -3.99
C LYS A 187 -20.65 7.74 -3.28
N ASP A 188 -21.50 8.63 -3.80
CA ASP A 188 -22.66 9.13 -3.02
C ASP A 188 -23.77 8.08 -3.08
N SER A 189 -24.78 8.25 -2.24
CA SER A 189 -25.87 7.26 -2.08
C SER A 189 -26.71 7.18 -3.37
N LYS A 190 -26.55 8.14 -4.29
CA LYS A 190 -27.29 8.18 -5.59
C LYS A 190 -26.47 7.54 -6.71
N ALA A 191 -25.24 7.12 -6.43
CA ALA A 191 -24.30 6.58 -7.44
C ALA A 191 -24.85 5.28 -8.02
N LYS A 192 -24.73 5.10 -9.34
CA LYS A 192 -25.10 3.85 -10.05
C LYS A 192 -23.84 3.02 -10.31
N SER A 193 -22.66 3.53 -9.96
CA SER A 193 -21.34 2.85 -10.16
C SER A 193 -20.32 3.41 -9.17
N LEU A 194 -19.20 2.69 -9.02
CA LEU A 194 -18.05 3.10 -8.18
C LEU A 194 -17.04 3.92 -9.01
N GLY A 195 -17.47 4.43 -10.17
CA GLY A 195 -16.65 5.32 -11.02
C GLY A 195 -15.50 4.56 -11.64
N ASN A 196 -14.28 5.06 -11.50
CA ASN A 196 -13.10 4.48 -12.19
C ASN A 196 -12.52 3.34 -11.36
N LEU A 197 -12.66 2.09 -11.82
CA LEU A 197 -12.12 0.89 -11.12
C LEU A 197 -10.84 0.41 -11.81
N GLY A 198 -10.27 1.21 -12.72
CA GLY A 198 -9.07 0.86 -13.50
C GLY A 198 -7.94 0.36 -12.62
N ASP A 199 -7.77 0.97 -11.43
CA ASP A 199 -6.62 0.71 -10.52
C ASP A 199 -7.14 0.10 -9.21
N ALA A 200 -8.41 -0.30 -9.18
CA ALA A 200 -9.11 -0.72 -7.95
C ALA A 200 -8.67 -2.13 -7.52
N ASP A 201 -8.82 -2.40 -6.23
CA ASP A 201 -8.69 -3.74 -5.61
C ASP A 201 -10.11 -4.27 -5.38
N THR A 202 -10.62 -5.10 -6.30
CA THR A 202 -12.03 -5.56 -6.26
C THR A 202 -12.24 -6.46 -5.04
N GLU A 203 -11.21 -7.17 -4.60
CA GLU A 203 -11.35 -8.12 -3.46
C GLU A 203 -11.59 -7.32 -2.18
N HIS A 204 -10.83 -6.26 -1.95
CA HIS A 204 -10.71 -5.63 -0.60
C HIS A 204 -11.56 -4.36 -0.50
N TYR A 205 -12.11 -3.87 -1.61
CA TYR A 205 -12.83 -2.57 -1.68
C TYR A 205 -13.91 -2.50 -0.58
N ALA A 206 -14.79 -3.48 -0.50
CA ALA A 206 -15.95 -3.43 0.44
C ALA A 206 -15.45 -3.28 1.89
N ALA A 207 -14.48 -4.08 2.31
CA ALA A 207 -13.91 -4.03 3.68
C ALA A 207 -13.31 -2.64 3.91
N SER A 208 -12.63 -2.10 2.90
CA SER A 208 -11.93 -0.79 3.02
C SER A 208 -12.97 0.32 3.21
N ALA A 209 -14.07 0.26 2.47
CA ALA A 209 -15.17 1.25 2.57
C ALA A 209 -15.75 1.17 3.98
N ARG A 210 -16.05 -0.04 4.47
CA ARG A 210 -16.59 -0.24 5.84
C ARG A 210 -15.56 0.23 6.88
N ALA A 211 -14.26 -0.02 6.66
CA ALA A 211 -13.18 0.37 7.60
C ALA A 211 -13.17 1.90 7.74
N PHE A 212 -13.35 2.63 6.64
CA PHE A 212 -13.46 4.11 6.65
C PHE A 212 -14.59 4.53 7.59
N GLY A 213 -15.78 3.95 7.42
CA GLY A 213 -16.96 4.25 8.26
C GLY A 213 -16.69 4.02 9.74
N ALA A 214 -16.00 2.92 10.07
CA ALA A 214 -15.75 2.48 11.46
C ALA A 214 -14.68 3.39 12.11
N ALA A 215 -13.78 3.95 11.30
CA ALA A 215 -12.65 4.81 11.75
C ALA A 215 -13.18 6.19 12.19
N PHE A 216 -14.24 6.66 11.56
CA PHE A 216 -14.82 8.01 11.81
C PHE A 216 -16.29 7.83 12.17
N PRO A 217 -16.58 7.18 13.31
CA PRO A 217 -17.91 6.63 13.57
C PRO A 217 -19.00 7.69 13.75
N LYS A 218 -18.62 8.94 14.03
CA LYS A 218 -19.58 10.01 14.36
C LYS A 218 -19.62 11.08 13.25
N ALA A 219 -18.73 11.05 12.26
CA ALA A 219 -18.81 11.93 11.06
C ALA A 219 -20.21 11.78 10.45
N SER A 220 -20.94 12.89 10.30
CA SER A 220 -22.30 12.91 9.69
C SER A 220 -22.25 13.58 8.31
N MET A 221 -21.14 14.27 7.99
CA MET A 221 -20.98 14.87 6.64
C MET A 221 -19.83 14.15 5.94
N ILE A 222 -20.15 13.35 4.94
CA ILE A 222 -19.12 12.59 4.17
C ILE A 222 -18.84 13.36 2.89
N VAL A 223 -17.61 13.86 2.80
CA VAL A 223 -17.11 14.61 1.62
C VAL A 223 -16.35 13.60 0.76
N MET A 224 -16.54 13.68 -0.55
CA MET A 224 -15.93 12.72 -1.50
C MET A 224 -15.53 13.46 -2.79
N SER A 225 -14.73 12.82 -3.63
CA SER A 225 -14.05 13.50 -4.76
C SER A 225 -15.06 13.94 -5.82
N HIS A 226 -16.07 13.13 -6.13
CA HIS A 226 -16.78 13.25 -7.44
C HIS A 226 -18.26 13.52 -7.26
N SER A 227 -18.70 13.87 -6.05
CA SER A 227 -20.09 14.34 -5.85
CA SER A 227 -20.13 14.21 -5.74
C SER A 227 -20.17 15.24 -4.61
N ALA A 228 -21.32 15.93 -4.46
CA ALA A 228 -21.59 16.81 -3.31
C ALA A 228 -21.53 15.97 -2.03
N PRO A 229 -21.21 16.62 -0.89
CA PRO A 229 -21.26 15.95 0.41
C PRO A 229 -22.59 15.20 0.63
N ASP A 230 -22.49 14.06 1.30
CA ASP A 230 -23.66 13.17 1.54
C ASP A 230 -23.64 12.79 3.01
N SER A 231 -24.66 12.07 3.44
CA SER A 231 -24.75 11.52 4.81
C SER A 231 -23.90 10.25 4.87
N ARG A 232 -23.88 9.60 6.03
CA ARG A 232 -23.16 8.31 6.24
C ARG A 232 -23.71 7.24 5.27
N ALA A 233 -24.91 7.39 4.73
CA ALA A 233 -25.48 6.39 3.79
C ALA A 233 -24.53 6.16 2.61
N ALA A 234 -23.72 7.16 2.23
CA ALA A 234 -22.77 7.06 1.10
C ALA A 234 -21.79 5.91 1.36
N ILE A 235 -21.39 5.73 2.62
CA ILE A 235 -20.38 4.70 3.02
C ILE A 235 -20.99 3.32 2.81
N THR A 236 -22.16 3.06 3.39
CA THR A 236 -22.80 1.72 3.36
C THR A 236 -23.22 1.40 1.91
N HIS A 237 -23.78 2.37 1.19
CA HIS A 237 -24.18 2.21 -0.23
C HIS A 237 -22.93 1.86 -1.06
N THR A 238 -21.82 2.54 -0.80
CA THR A 238 -20.55 2.24 -1.52
C THR A 238 -20.14 0.80 -1.23
N ALA A 239 -20.10 0.41 0.05
CA ALA A 239 -19.63 -0.92 0.48
C ALA A 239 -20.52 -1.99 -0.15
N ARG A 240 -21.82 -1.75 -0.23
CA ARG A 240 -22.80 -2.73 -0.79
C ARG A 240 -22.60 -2.86 -2.30
N MET A 241 -22.27 -1.78 -3.02
CA MET A 241 -21.88 -1.84 -4.45
C MET A 241 -20.56 -2.62 -4.60
N ALA A 242 -19.60 -2.37 -3.70
CA ALA A 242 -18.28 -3.05 -3.69
C ALA A 242 -18.44 -4.54 -3.38
N ASP A 243 -19.44 -4.92 -2.58
CA ASP A 243 -19.73 -6.35 -2.29
C ASP A 243 -19.95 -7.10 -3.61
N LYS A 244 -20.47 -6.44 -4.64
CA LYS A 244 -20.86 -7.07 -5.93
C LYS A 244 -19.62 -7.29 -6.81
N LEU A 245 -18.44 -6.82 -6.41
CA LEU A 245 -17.17 -6.98 -7.17
C LEU A 245 -16.48 -8.30 -6.83
N ARG A 246 -16.95 -9.05 -5.83
CA ARG A 246 -16.26 -10.27 -5.32
C ARG A 246 -17.25 -11.44 -5.22
N MET B 15 15.00 -34.59 -3.04
CA MET B 15 15.78 -35.85 -3.03
C MET B 15 17.16 -35.63 -3.65
N GLU B 16 17.45 -34.41 -4.10
CA GLU B 16 18.79 -33.99 -4.61
C GLU B 16 19.82 -34.19 -3.49
N THR B 17 21.02 -34.65 -3.82
CA THR B 17 22.11 -34.95 -2.85
C THR B 17 22.40 -33.68 -2.04
N GLY B 18 22.58 -33.83 -0.72
CA GLY B 18 22.87 -32.72 0.20
C GLY B 18 21.60 -32.15 0.83
N ASP B 19 20.46 -32.30 0.15
CA ASP B 19 19.12 -31.92 0.69
C ASP B 19 18.84 -32.77 1.95
N GLN B 20 18.22 -32.17 2.97
CA GLN B 20 17.88 -32.85 4.24
C GLN B 20 16.35 -32.84 4.39
N ARG B 21 15.79 -33.93 4.91
CA ARG B 21 14.34 -34.07 5.16
C ARG B 21 14.13 -34.11 6.67
N PHE B 22 13.15 -33.35 7.15
CA PHE B 22 12.59 -33.45 8.52
C PHE B 22 11.05 -33.42 8.44
N GLY B 23 10.41 -34.54 8.77
CA GLY B 23 8.96 -34.70 8.60
C GLY B 23 8.57 -34.45 7.16
N ASP B 24 7.74 -33.41 6.93
CA ASP B 24 7.18 -33.11 5.59
C ASP B 24 8.03 -32.02 4.92
N LEU B 25 9.12 -31.60 5.56
CA LEU B 25 9.89 -30.44 5.08
C LEU B 25 11.24 -30.85 4.50
N VAL B 26 11.69 -30.09 3.50
CA VAL B 26 12.98 -30.31 2.80
C VAL B 26 13.82 -29.04 2.99
N PHE B 27 15.09 -29.22 3.32
CA PHE B 27 16.06 -28.12 3.58
C PHE B 27 17.22 -28.26 2.60
N ARG B 28 17.55 -27.17 1.92
CA ARG B 28 18.75 -27.07 1.05
C ARG B 28 19.66 -25.94 1.57
N GLN B 29 20.95 -26.23 1.82
CA GLN B 29 21.93 -25.18 2.16
C GLN B 29 22.29 -24.41 0.89
N LEU B 30 22.15 -23.09 0.94
CA LEU B 30 22.43 -22.18 -0.20
C LEU B 30 23.80 -21.53 0.00
N ALA B 31 24.22 -21.37 1.26
CA ALA B 31 25.44 -20.67 1.70
C ALA B 31 25.79 -21.15 3.11
N PRO B 32 27.00 -20.87 3.63
CA PRO B 32 27.39 -21.33 4.96
C PRO B 32 26.32 -21.07 6.05
N ASN B 33 25.64 -19.92 5.98
CA ASN B 33 24.72 -19.49 7.06
C ASN B 33 23.28 -19.37 6.54
N VAL B 34 22.98 -19.92 5.36
CA VAL B 34 21.62 -19.76 4.73
C VAL B 34 21.12 -21.10 4.19
N TRP B 35 19.89 -21.45 4.58
CA TRP B 35 19.15 -22.63 4.07
C TRP B 35 17.82 -22.18 3.50
N GLN B 36 17.36 -22.86 2.46
CA GLN B 36 15.98 -22.74 1.95
C GLN B 36 15.12 -23.83 2.59
N HIS B 37 13.96 -23.46 3.12
CA HIS B 37 12.94 -24.43 3.61
C HIS B 37 11.87 -24.58 2.54
N THR B 38 11.44 -25.81 2.28
CA THR B 38 10.40 -26.11 1.28
C THR B 38 9.31 -26.97 1.90
N SER B 39 8.06 -26.50 1.78
CA SER B 39 6.86 -27.24 2.23
C SER B 39 5.88 -27.33 1.06
N TYR B 40 4.95 -28.29 1.14
CA TYR B 40 4.06 -28.71 0.03
C TYR B 40 2.62 -28.70 0.54
N LEU B 41 1.67 -28.20 -0.26
CA LEU B 41 0.23 -28.29 0.03
C LEU B 41 -0.52 -28.77 -1.22
N ASP B 42 -1.43 -29.73 -1.05
CA ASP B 42 -2.35 -30.16 -2.12
C ASP B 42 -3.35 -29.02 -2.35
N MET B 43 -3.40 -28.51 -3.58
CA MET B 43 -4.46 -27.61 -4.08
C MET B 43 -5.40 -28.44 -4.95
N PRO B 44 -6.62 -28.74 -4.45
CA PRO B 44 -7.54 -29.61 -5.18
C PRO B 44 -7.67 -29.17 -6.64
N GLY B 45 -7.46 -30.09 -7.59
CA GLY B 45 -7.54 -29.82 -9.04
C GLY B 45 -6.18 -29.63 -9.68
N PHE B 46 -5.13 -29.33 -8.89
CA PHE B 46 -3.82 -28.87 -9.41
C PHE B 46 -2.67 -29.64 -8.76
N GLY B 47 -2.94 -30.41 -7.70
CA GLY B 47 -1.93 -31.26 -7.02
C GLY B 47 -1.07 -30.46 -6.05
N ALA B 48 0.10 -30.99 -5.69
CA ALA B 48 0.96 -30.46 -4.61
C ALA B 48 1.70 -29.22 -5.12
N VAL B 49 1.75 -28.17 -4.31
CA VAL B 49 2.44 -26.90 -4.64
C VAL B 49 3.54 -26.66 -3.61
N ALA B 50 4.77 -26.43 -4.08
CA ALA B 50 5.94 -26.12 -3.24
C ALA B 50 5.87 -24.64 -2.83
N SER B 51 6.30 -24.34 -1.61
CA SER B 51 6.60 -22.95 -1.17
C SER B 51 7.95 -22.97 -0.45
N ASN B 52 8.80 -22.00 -0.78
CA ASN B 52 10.16 -21.85 -0.20
C ASN B 52 10.18 -20.61 0.70
N GLY B 53 10.89 -20.73 1.82
CA GLY B 53 11.41 -19.58 2.58
C GLY B 53 12.86 -19.79 2.93
N LEU B 54 13.37 -19.00 3.88
CA LEU B 54 14.82 -18.99 4.19
C LEU B 54 15.01 -19.15 5.69
N ILE B 55 16.14 -19.73 6.05
CA ILE B 55 16.67 -19.80 7.43
C ILE B 55 18.07 -19.21 7.39
N VAL B 56 18.34 -18.25 8.27
CA VAL B 56 19.63 -17.50 8.24
C VAL B 56 20.26 -17.63 9.61
N ARG B 57 21.48 -18.18 9.68
CA ARG B 57 22.31 -18.13 10.91
C ARG B 57 23.00 -16.77 10.94
N ASP B 58 22.80 -16.03 12.03
CA ASP B 58 23.37 -14.68 12.27
C ASP B 58 24.13 -14.70 13.59
N GLY B 59 25.41 -15.09 13.56
CA GLY B 59 26.19 -15.47 14.75
C GLY B 59 25.46 -16.52 15.56
N GLY B 60 25.21 -16.24 16.84
CA GLY B 60 24.59 -17.17 17.79
C GLY B 60 23.08 -17.04 17.82
N ARG B 61 22.47 -16.63 16.71
CA ARG B 61 20.99 -16.65 16.59
C ARG B 61 20.57 -17.00 15.15
N VAL B 62 19.31 -17.38 15.01
CA VAL B 62 18.70 -17.77 13.72
C VAL B 62 17.55 -16.80 13.41
N LEU B 63 17.42 -16.46 12.13
CA LEU B 63 16.34 -15.61 11.59
C LEU B 63 15.60 -16.42 10.52
N VAL B 64 14.27 -16.34 10.52
CA VAL B 64 13.43 -17.05 9.53
C VAL B 64 12.75 -16.04 8.61
N VAL B 65 12.70 -16.35 7.32
CA VAL B 65 11.88 -15.63 6.32
C VAL B 65 10.79 -16.59 5.83
N ASP B 66 9.54 -16.23 6.14
CA ASP B 66 8.28 -16.91 5.73
C ASP B 66 8.05 -18.17 6.56
N THR B 67 6.78 -18.44 6.86
CA THR B 67 6.33 -19.73 7.44
C THR B 67 6.22 -20.76 6.32
N ALA B 68 5.86 -21.97 6.68
CA ALA B 68 5.34 -22.98 5.74
C ALA B 68 3.83 -22.78 5.58
N TRP B 69 3.18 -23.61 4.76
CA TRP B 69 1.72 -23.51 4.54
C TRP B 69 0.96 -23.61 5.85
N THR B 70 1.42 -24.43 6.79
CA THR B 70 0.62 -24.84 7.98
C THR B 70 1.44 -24.69 9.26
N ASP B 71 0.74 -24.60 10.40
CA ASP B 71 1.36 -24.59 11.74
C ASP B 71 2.25 -25.83 11.89
N ASP B 72 1.74 -27.01 11.57
CA ASP B 72 2.47 -28.29 11.73
C ASP B 72 3.80 -28.21 10.98
N GLN B 73 3.76 -27.75 9.73
CA GLN B 73 4.95 -27.69 8.86
C GLN B 73 5.92 -26.65 9.44
N THR B 74 5.41 -25.54 9.95
CA THR B 74 6.25 -24.46 10.52
C THR B 74 6.94 -25.01 11.79
N ALA B 75 6.24 -25.79 12.61
CA ALA B 75 6.83 -26.42 13.80
C ALA B 75 7.97 -27.36 13.37
N GLN B 76 7.82 -28.04 12.23
CA GLN B 76 8.87 -28.96 11.71
C GLN B 76 10.11 -28.15 11.34
N ILE B 77 9.94 -26.97 10.74
CA ILE B 77 11.07 -26.04 10.46
C ILE B 77 11.81 -25.74 11.78
N LEU B 78 11.08 -25.37 12.82
CA LEU B 78 11.66 -24.92 14.12
C LEU B 78 12.43 -26.08 14.77
N ASN B 79 11.89 -27.29 14.66
CA ASN B 79 12.53 -28.49 15.27
C ASN B 79 13.78 -28.89 14.49
N TRP B 80 13.74 -28.76 13.16
CA TRP B 80 14.95 -29.02 12.32
C TRP B 80 16.05 -28.01 12.68
N ILE B 81 15.69 -26.74 12.87
CA ILE B 81 16.66 -25.69 13.30
C ILE B 81 17.30 -26.16 14.62
N LYS B 82 16.51 -26.64 15.57
CA LYS B 82 17.01 -27.08 16.90
C LYS B 82 18.01 -28.23 16.71
N GLN B 83 17.65 -29.20 15.86
CA GLN B 83 18.46 -30.41 15.58
C GLN B 83 19.75 -30.04 14.86
N GLU B 84 19.66 -29.26 13.78
CA GLU B 84 20.79 -29.12 12.82
CA GLU B 84 20.76 -29.09 12.79
C GLU B 84 21.64 -27.90 13.18
N ILE B 85 21.03 -26.82 13.67
CA ILE B 85 21.75 -25.53 13.92
C ILE B 85 21.96 -25.32 15.43
N ASN B 86 20.94 -25.63 16.24
CA ASN B 86 20.98 -25.57 17.73
C ASN B 86 21.35 -24.15 18.19
N LEU B 87 20.69 -23.14 17.62
CA LEU B 87 20.73 -21.73 18.08
C LEU B 87 19.31 -21.20 18.20
N PRO B 88 19.06 -20.24 19.11
CA PRO B 88 17.71 -19.70 19.28
C PRO B 88 17.29 -18.94 18.01
N VAL B 89 16.01 -19.04 17.67
CA VAL B 89 15.37 -18.21 16.60
C VAL B 89 14.91 -16.89 17.24
N ALA B 90 15.55 -15.78 16.87
CA ALA B 90 15.31 -14.43 17.43
C ALA B 90 14.04 -13.83 16.84
N LEU B 91 13.82 -13.97 15.53
CA LEU B 91 12.68 -13.31 14.86
C LEU B 91 12.42 -13.97 13.51
N ALA B 92 11.23 -13.71 12.98
CA ALA B 92 10.80 -14.13 11.63
C ALA B 92 10.23 -12.92 10.91
N VAL B 93 10.51 -12.81 9.62
CA VAL B 93 9.82 -11.84 8.73
CA VAL B 93 9.87 -11.83 8.69
C VAL B 93 9.05 -12.63 7.68
N VAL B 94 7.82 -12.22 7.44
CA VAL B 94 6.89 -12.93 6.51
C VAL B 94 6.51 -11.95 5.41
N THR B 95 6.47 -12.39 4.15
CA THR B 95 6.65 -11.47 3.00
C THR B 95 5.32 -11.09 2.31
N HIS B 96 4.18 -11.65 2.71
CA HIS B 96 2.82 -11.11 2.41
C HIS B 96 1.74 -12.01 3.02
N ALA B 97 0.49 -11.51 3.07
CA ALA B 97 -0.66 -12.18 3.73
C ALA B 97 -1.32 -13.17 2.77
N HIS B 98 -0.58 -14.21 2.38
CA HIS B 98 -1.11 -15.45 1.74
C HIS B 98 -0.67 -16.68 2.55
N GLN B 99 -1.39 -17.78 2.41
CA GLN B 99 -1.23 -19.00 3.25
C GLN B 99 0.20 -19.54 3.15
N ASP B 100 0.85 -19.45 1.99
CA ASP B 100 2.20 -20.04 1.78
C ASP B 100 3.23 -19.30 2.63
N LYS B 101 2.98 -18.04 2.96
CA LYS B 101 3.95 -17.14 3.63
C LYS B 101 3.59 -16.94 5.11
N MET B 102 2.31 -17.04 5.46
CA MET B 102 1.83 -16.67 6.82
C MET B 102 0.94 -17.77 7.41
N GLY B 103 0.80 -18.90 6.74
CA GLY B 103 -0.05 -20.00 7.24
C GLY B 103 0.35 -20.47 8.63
N GLY B 104 1.62 -20.30 9.01
CA GLY B 104 2.20 -20.95 10.20
C GLY B 104 2.47 -19.96 11.34
N MET B 105 1.83 -18.79 11.30
CA MET B 105 2.16 -17.69 12.26
C MET B 105 1.96 -18.21 13.69
N ASP B 106 0.86 -18.92 13.94
CA ASP B 106 0.50 -19.42 15.31
C ASP B 106 1.66 -20.26 15.85
N ALA B 107 2.31 -21.09 15.02
CA ALA B 107 3.45 -21.94 15.42
C ALA B 107 4.66 -21.08 15.80
N LEU B 108 4.93 -20.00 15.07
CA LEU B 108 6.04 -19.07 15.42
C LEU B 108 5.76 -18.45 16.79
N HIS B 109 4.55 -17.97 17.02
CA HIS B 109 4.15 -17.28 18.27
C HIS B 109 4.20 -18.28 19.44
N ALA B 110 3.69 -19.51 19.24
CA ALA B 110 3.69 -20.55 20.29
C ALA B 110 5.13 -20.86 20.70
N ALA B 111 6.07 -20.78 19.76
CA ALA B 111 7.51 -21.06 20.00
C ALA B 111 8.20 -19.80 20.53
N GLY B 112 7.46 -18.69 20.68
CA GLY B 112 7.97 -17.45 21.29
C GLY B 112 8.94 -16.71 20.39
N ILE B 113 8.76 -16.84 19.07
CA ILE B 113 9.55 -16.12 18.04
C ILE B 113 8.84 -14.79 17.75
N ALA B 114 9.57 -13.68 17.81
CA ALA B 114 9.06 -12.33 17.44
C ALA B 114 8.82 -12.30 15.92
N THR B 115 7.66 -11.79 15.51
CA THR B 115 7.24 -11.81 14.09
C THR B 115 7.06 -10.38 13.57
N TYR B 116 7.51 -10.18 12.33
CA TYR B 116 7.50 -8.91 11.59
C TYR B 116 6.88 -9.13 10.21
N ALA B 117 6.00 -8.21 9.82
CA ALA B 117 5.44 -8.15 8.46
C ALA B 117 5.20 -6.68 8.11
N ASN B 118 5.14 -6.39 6.82
CA ASN B 118 4.56 -5.14 6.28
C ASN B 118 3.32 -4.79 7.11
N ALA B 119 3.23 -3.55 7.62
CA ALA B 119 1.98 -3.02 8.23
C ALA B 119 0.78 -3.45 7.38
N LEU B 120 0.89 -3.32 6.05
CA LEU B 120 -0.23 -3.64 5.13
C LEU B 120 -0.58 -5.13 5.22
N SER B 121 0.43 -6.01 5.28
CA SER B 121 0.23 -7.47 5.50
C SER B 121 -0.57 -7.69 6.78
N ASN B 122 -0.21 -7.00 7.87
CA ASN B 122 -0.90 -7.14 9.18
C ASN B 122 -2.34 -6.62 9.05
N GLN B 123 -2.55 -5.55 8.29
CA GLN B 123 -3.89 -4.96 8.09
C GLN B 123 -4.76 -5.90 7.26
N LEU B 124 -4.19 -6.56 6.25
CA LEU B 124 -4.92 -7.47 5.32
C LEU B 124 -5.15 -8.84 5.98
N ALA B 125 -4.35 -9.21 6.97
CA ALA B 125 -4.24 -10.62 7.45
C ALA B 125 -5.61 -11.17 7.78
N PRO B 126 -6.44 -10.48 8.61
CA PRO B 126 -7.76 -10.99 8.98
C PRO B 126 -8.63 -11.32 7.76
N GLN B 127 -8.69 -10.40 6.79
CA GLN B 127 -9.47 -10.58 5.53
C GLN B 127 -8.98 -11.82 4.80
N GLU B 128 -7.66 -12.05 4.82
CA GLU B 128 -6.98 -13.12 4.04
C GLU B 128 -6.93 -14.41 4.87
N GLY B 129 -7.59 -14.42 6.04
CA GLY B 129 -7.65 -15.59 6.95
C GLY B 129 -6.30 -15.92 7.59
N MET B 130 -5.38 -14.96 7.66
CA MET B 130 -4.03 -15.13 8.27
C MET B 130 -4.01 -14.51 9.67
N VAL B 131 -3.13 -14.99 10.54
CA VAL B 131 -2.82 -14.34 11.85
C VAL B 131 -1.76 -13.26 11.63
N ALA B 132 -2.02 -12.04 12.11
CA ALA B 132 -1.08 -10.89 11.97
C ALA B 132 0.21 -11.20 12.71
N ALA B 133 1.34 -10.70 12.21
CA ALA B 133 2.61 -10.60 12.95
C ALA B 133 2.43 -9.67 14.16
N GLN B 134 3.34 -9.77 15.12
CA GLN B 134 3.31 -8.98 16.37
C GLN B 134 3.74 -7.54 16.09
N HIS B 135 4.58 -7.34 15.07
CA HIS B 135 5.19 -6.03 14.77
C HIS B 135 4.99 -5.70 13.29
N SER B 136 4.92 -4.41 12.98
CA SER B 136 4.66 -3.89 11.62
C SER B 136 5.91 -3.18 11.11
N LEU B 137 6.34 -3.55 9.91
CA LEU B 137 7.36 -2.83 9.11
C LEU B 137 6.67 -1.74 8.29
N THR B 138 7.28 -0.55 8.24
CA THR B 138 6.87 0.52 7.31
C THR B 138 8.07 0.90 6.44
N PHE B 139 7.81 1.59 5.35
CA PHE B 139 8.73 1.74 4.19
C PHE B 139 8.72 3.19 3.74
N ALA B 140 9.89 3.69 3.35
CA ALA B 140 10.06 5.00 2.71
C ALA B 140 9.49 4.95 1.29
N ALA B 141 9.33 6.11 0.66
CA ALA B 141 8.84 6.24 -0.73
C ALA B 141 9.78 5.48 -1.67
N ASN B 142 11.03 5.24 -1.28
CA ASN B 142 12.04 4.57 -2.15
C ASN B 142 12.02 3.06 -1.92
N GLY B 143 11.19 2.57 -0.99
CA GLY B 143 10.97 1.12 -0.78
C GLY B 143 11.73 0.55 0.40
N TRP B 144 12.71 1.26 0.95
CA TRP B 144 13.55 0.72 2.05
C TRP B 144 12.79 0.81 3.37
N VAL B 145 12.88 -0.24 4.18
CA VAL B 145 12.24 -0.28 5.52
C VAL B 145 12.72 0.94 6.32
N GLU B 146 11.82 1.60 7.03
CA GLU B 146 12.18 2.59 8.08
C GLU B 146 12.90 1.82 9.19
N PRO B 147 14.20 2.09 9.41
CA PRO B 147 15.04 1.26 10.28
C PRO B 147 14.52 1.06 11.71
N ALA B 148 13.87 2.07 12.29
CA ALA B 148 13.32 1.99 13.67
C ALA B 148 12.27 0.87 13.76
N THR B 149 11.68 0.43 12.64
CA THR B 149 10.58 -0.57 12.62
C THR B 149 11.16 -1.99 12.47
N ALA B 150 12.46 -2.08 12.17
CA ALA B 150 13.15 -3.37 11.92
C ALA B 150 14.38 -3.47 12.83
N PRO B 151 14.17 -3.50 14.17
CA PRO B 151 15.29 -3.45 15.12
C PRO B 151 16.07 -4.77 15.10
N ASN B 152 17.40 -4.69 15.10
CA ASN B 152 18.30 -5.86 15.30
C ASN B 152 17.97 -6.94 14.26
N PHE B 153 17.87 -6.55 12.98
CA PHE B 153 17.58 -7.46 11.86
C PHE B 153 18.89 -8.00 11.27
N GLY B 154 20.04 -7.66 11.87
CA GLY B 154 21.34 -8.23 11.46
C GLY B 154 21.52 -8.10 9.95
N PRO B 155 21.75 -9.20 9.20
CA PRO B 155 22.01 -9.11 7.77
C PRO B 155 20.76 -8.96 6.89
N LEU B 156 19.55 -9.03 7.49
CA LEU B 156 18.27 -8.94 6.75
C LEU B 156 18.04 -7.50 6.32
N LYS B 157 18.02 -7.26 5.01
CA LYS B 157 17.77 -5.94 4.39
C LYS B 157 16.39 -5.97 3.72
N VAL B 158 15.39 -5.32 4.29
CA VAL B 158 13.98 -5.51 3.87
C VAL B 158 13.58 -4.37 2.93
N PHE B 159 13.03 -4.73 1.77
CA PHE B 159 12.72 -3.79 0.69
C PHE B 159 11.30 -4.05 0.19
N TYR B 160 10.50 -2.98 0.14
CA TYR B 160 9.15 -3.01 -0.46
C TYR B 160 9.22 -2.47 -1.88
N PRO B 161 9.08 -3.35 -2.90
CA PRO B 161 9.31 -2.96 -4.29
C PRO B 161 8.13 -2.26 -4.94
N GLY B 162 7.01 -2.17 -4.21
CA GLY B 162 5.72 -1.70 -4.73
C GLY B 162 4.80 -2.86 -5.08
N PRO B 163 3.55 -2.57 -5.44
CA PRO B 163 2.55 -3.61 -5.67
C PRO B 163 2.91 -4.47 -6.88
N GLY B 164 2.77 -5.78 -6.73
CA GLY B 164 3.05 -6.71 -7.83
C GLY B 164 2.22 -7.96 -7.71
N HIS B 165 2.80 -9.01 -7.17
CA HIS B 165 2.07 -10.27 -6.83
C HIS B 165 0.88 -9.92 -5.91
N THR B 166 1.13 -9.08 -4.91
CA THR B 166 0.09 -8.44 -4.05
C THR B 166 0.47 -6.98 -3.79
N SER B 167 -0.43 -6.22 -3.18
CA SER B 167 -0.15 -4.81 -2.77
C SER B 167 0.91 -4.77 -1.67
N ASP B 168 1.01 -5.84 -0.86
CA ASP B 168 1.79 -5.85 0.40
C ASP B 168 3.13 -6.58 0.24
N ASN B 169 3.42 -7.18 -0.92
CA ASN B 169 4.59 -8.08 -1.06
C ASN B 169 5.88 -7.33 -0.68
N ILE B 170 6.71 -7.94 0.16
CA ILE B 170 8.06 -7.41 0.49
C ILE B 170 9.11 -8.43 0.08
N THR B 171 10.37 -7.98 0.08
CA THR B 171 11.54 -8.76 -0.38
C THR B 171 12.66 -8.56 0.64
N VAL B 172 13.63 -9.46 0.64
CA VAL B 172 14.69 -9.48 1.69
C VAL B 172 16.01 -9.84 1.01
N GLY B 173 17.01 -8.99 1.18
CA GLY B 173 18.42 -9.30 0.88
C GLY B 173 19.14 -9.81 2.11
N ILE B 174 20.12 -10.69 1.92
CA ILE B 174 20.96 -11.20 3.04
C ILE B 174 22.35 -10.61 2.92
N ASP B 175 22.68 -9.65 3.77
CA ASP B 175 23.98 -8.93 3.71
C ASP B 175 25.08 -9.94 3.99
N GLY B 176 26.23 -9.79 3.31
CA GLY B 176 27.39 -10.70 3.42
C GLY B 176 27.16 -11.99 2.65
N THR B 177 26.13 -12.05 1.79
CA THR B 177 25.88 -13.18 0.89
C THR B 177 25.57 -12.64 -0.51
N ASP B 178 25.42 -13.54 -1.48
CA ASP B 178 25.03 -13.22 -2.87
CA ASP B 178 25.03 -13.16 -2.86
C ASP B 178 23.52 -13.38 -3.02
N ILE B 179 22.79 -13.51 -1.90
CA ILE B 179 21.39 -14.01 -1.92
C ILE B 179 20.40 -12.85 -1.71
N ALA B 180 19.36 -12.79 -2.54
CA ALA B 180 18.16 -11.96 -2.31
C ALA B 180 16.91 -12.82 -2.51
N PHE B 181 15.90 -12.59 -1.67
CA PHE B 181 14.63 -13.35 -1.64
C PHE B 181 13.52 -12.50 -2.27
N GLY B 182 13.02 -12.93 -3.43
CA GLY B 182 11.94 -12.24 -4.15
C GLY B 182 10.57 -12.73 -3.71
N GLY B 183 10.51 -13.80 -2.91
CA GLY B 183 9.23 -14.42 -2.51
C GLY B 183 8.38 -14.71 -3.74
N CYS B 184 7.11 -14.36 -3.69
CA CYS B 184 6.13 -14.70 -4.76
C CYS B 184 6.14 -13.65 -5.87
N LEU B 185 6.86 -12.55 -5.69
CA LEU B 185 6.93 -11.48 -6.73
C LEU B 185 7.67 -12.04 -7.95
N ILE B 186 8.74 -12.80 -7.71
CA ILE B 186 9.64 -13.27 -8.80
C ILE B 186 9.32 -14.73 -9.13
N LYS B 187 9.15 -15.00 -10.43
CA LYS B 187 9.01 -16.37 -10.98
C LYS B 187 10.28 -16.70 -11.77
N ASP B 188 10.48 -17.98 -12.09
CA ASP B 188 11.77 -18.48 -12.59
C ASP B 188 11.95 -18.04 -14.04
N SER B 189 13.20 -18.08 -14.53
CA SER B 189 13.62 -17.46 -15.81
C SER B 189 13.10 -18.26 -17.01
N LYS B 190 12.45 -19.41 -16.80
CA LYS B 190 11.85 -20.21 -17.92
C LYS B 190 10.32 -20.27 -17.78
N ALA B 191 9.74 -19.58 -16.80
CA ALA B 191 8.29 -19.62 -16.52
C ALA B 191 7.52 -19.17 -17.75
N LYS B 192 6.34 -19.76 -17.98
CA LYS B 192 5.34 -19.31 -18.98
C LYS B 192 4.44 -18.22 -18.34
N SER B 193 4.18 -18.29 -17.04
CA SER B 193 3.18 -17.45 -16.34
C SER B 193 3.75 -16.87 -15.03
N LEU B 194 3.05 -15.89 -14.45
CA LEU B 194 3.43 -15.25 -13.16
C LEU B 194 2.65 -15.89 -12.00
N GLY B 195 2.18 -17.13 -12.18
CA GLY B 195 1.47 -17.86 -11.12
C GLY B 195 0.18 -17.16 -10.74
N ASN B 196 -0.13 -17.07 -9.45
CA ASN B 196 -1.44 -16.56 -8.97
C ASN B 196 -1.48 -15.03 -9.04
N LEU B 197 -2.31 -14.48 -9.95
CA LEU B 197 -2.44 -13.01 -10.17
C LEU B 197 -3.75 -12.51 -9.56
N GLY B 198 -4.42 -13.36 -8.78
CA GLY B 198 -5.73 -13.07 -8.17
C GLY B 198 -5.71 -11.76 -7.39
N ASP B 199 -4.61 -11.46 -6.70
CA ASP B 199 -4.51 -10.27 -5.81
C ASP B 199 -3.50 -9.27 -6.38
N ALA B 200 -3.08 -9.47 -7.63
CA ALA B 200 -1.92 -8.76 -8.23
C ALA B 200 -2.35 -7.38 -8.71
N ASP B 201 -1.36 -6.50 -8.79
CA ASP B 201 -1.44 -5.17 -9.45
C ASP B 201 -0.82 -5.31 -10.84
N THR B 202 -1.66 -5.51 -11.85
CA THR B 202 -1.24 -5.79 -13.24
C THR B 202 -0.51 -4.57 -13.82
N GLU B 203 -0.90 -3.35 -13.41
CA GLU B 203 -0.27 -2.10 -13.90
C GLU B 203 1.17 -1.98 -13.39
N HIS B 204 1.40 -2.19 -12.09
CA HIS B 204 2.64 -1.77 -11.38
C HIS B 204 3.62 -2.95 -11.26
N TYR B 205 3.20 -4.17 -11.60
CA TYR B 205 3.99 -5.42 -11.39
C TYR B 205 5.38 -5.29 -12.02
N ALA B 206 5.46 -4.94 -13.31
CA ALA B 206 6.75 -4.93 -14.03
C ALA B 206 7.72 -3.97 -13.33
N ALA B 207 7.27 -2.77 -12.97
CA ALA B 207 8.07 -1.75 -12.26
C ALA B 207 8.54 -2.33 -10.91
N SER B 208 7.66 -3.06 -10.23
CA SER B 208 7.93 -3.65 -8.90
C SER B 208 9.04 -4.71 -9.02
N ALA B 209 8.97 -5.59 -10.01
CA ALA B 209 10.01 -6.60 -10.28
C ALA B 209 11.35 -5.89 -10.54
N ARG B 210 11.36 -4.85 -11.37
CA ARG B 210 12.61 -4.12 -11.70
C ARG B 210 13.13 -3.40 -10.45
N ALA B 211 12.25 -2.85 -9.61
CA ALA B 211 12.65 -2.14 -8.37
C ALA B 211 13.38 -3.13 -7.46
N PHE B 212 12.87 -4.37 -7.36
CA PHE B 212 13.51 -5.45 -6.58
C PHE B 212 14.95 -5.67 -7.07
N GLY B 213 15.13 -5.81 -8.39
CA GLY B 213 16.44 -6.00 -9.03
C GLY B 213 17.39 -4.86 -8.66
N ALA B 214 16.91 -3.62 -8.73
CA ALA B 214 17.74 -2.42 -8.52
C ALA B 214 18.10 -2.26 -7.03
N ALA B 215 17.25 -2.76 -6.12
CA ALA B 215 17.48 -2.66 -4.65
C ALA B 215 18.67 -3.53 -4.25
N PHE B 216 18.86 -4.66 -4.95
CA PHE B 216 19.82 -5.74 -4.60
C PHE B 216 20.69 -6.01 -5.83
N PRO B 217 21.46 -4.99 -6.27
CA PRO B 217 22.06 -4.97 -7.60
C PRO B 217 23.12 -6.07 -7.80
N LYS B 218 23.68 -6.55 -6.68
CA LYS B 218 24.85 -7.47 -6.65
C LYS B 218 24.41 -8.88 -6.27
N ALA B 219 23.17 -9.11 -5.86
CA ALA B 219 22.63 -10.46 -5.60
C ALA B 219 22.69 -11.28 -6.91
N SER B 220 23.33 -12.45 -6.88
CA SER B 220 23.48 -13.35 -8.05
C SER B 220 22.61 -14.59 -7.84
N MET B 221 22.18 -14.83 -6.59
CA MET B 221 21.28 -15.98 -6.29
C MET B 221 19.94 -15.43 -5.81
N ILE B 222 18.93 -15.60 -6.65
CA ILE B 222 17.56 -15.08 -6.42
C ILE B 222 16.71 -16.25 -5.96
N VAL B 223 16.26 -16.19 -4.71
CA VAL B 223 15.41 -17.24 -4.09
C VAL B 223 13.97 -16.75 -4.21
N MET B 224 13.07 -17.64 -4.59
CA MET B 224 11.64 -17.28 -4.79
C MET B 224 10.77 -18.40 -4.22
N SER B 225 9.48 -18.13 -4.08
CA SER B 225 8.55 -18.98 -3.31
C SER B 225 8.34 -20.32 -4.03
N HIS B 226 8.24 -20.33 -5.36
CA HIS B 226 7.55 -21.44 -6.06
C HIS B 226 8.45 -22.07 -7.13
N SER B 227 9.76 -21.85 -7.06
CA SER B 227 10.72 -22.63 -7.88
C SER B 227 12.09 -22.59 -7.22
N ALA B 228 13.02 -23.40 -7.72
CA ALA B 228 14.41 -23.50 -7.19
C ALA B 228 15.13 -22.17 -7.40
N PRO B 229 16.18 -21.87 -6.61
CA PRO B 229 16.93 -20.63 -6.78
C PRO B 229 17.40 -20.50 -8.24
N ASP B 230 17.39 -19.26 -8.72
CA ASP B 230 17.77 -18.91 -10.11
C ASP B 230 18.81 -17.80 -10.03
N SER B 231 19.28 -17.35 -11.19
CA SER B 231 20.15 -16.16 -11.38
C SER B 231 19.28 -14.90 -11.44
N ARG B 232 19.91 -13.75 -11.65
CA ARG B 232 19.19 -12.46 -11.86
C ARG B 232 18.28 -12.54 -13.10
N ALA B 233 18.48 -13.52 -13.98
CA ALA B 233 17.61 -13.73 -15.17
C ALA B 233 16.15 -13.90 -14.74
N ALA B 234 15.89 -14.41 -13.55
CA ALA B 234 14.51 -14.60 -13.02
C ALA B 234 13.85 -13.23 -12.90
N ILE B 235 14.60 -12.20 -12.53
CA ILE B 235 14.03 -10.83 -12.28
C ILE B 235 13.63 -10.24 -13.64
N THR B 236 14.52 -10.27 -14.63
CA THR B 236 14.29 -9.63 -15.96
C THR B 236 13.23 -10.42 -16.73
N HIS B 237 13.18 -11.75 -16.57
CA HIS B 237 12.11 -12.59 -17.15
C HIS B 237 10.76 -12.26 -16.52
N THR B 238 10.71 -12.14 -15.20
CA THR B 238 9.46 -11.81 -14.47
C THR B 238 8.96 -10.46 -14.99
N ALA B 239 9.86 -9.48 -15.08
CA ALA B 239 9.49 -8.11 -15.54
C ALA B 239 8.99 -8.19 -17.00
N ARG B 240 9.61 -9.02 -17.84
CA ARG B 240 9.25 -9.17 -19.27
C ARG B 240 7.83 -9.75 -19.37
N MET B 241 7.54 -10.78 -18.56
CA MET B 241 6.18 -11.38 -18.46
C MET B 241 5.21 -10.32 -17.95
N ALA B 242 5.63 -9.55 -16.95
CA ALA B 242 4.76 -8.58 -16.26
C ALA B 242 4.43 -7.43 -17.23
N ASP B 243 5.33 -7.10 -18.15
CA ASP B 243 5.10 -6.02 -19.15
C ASP B 243 3.84 -6.34 -19.97
N LYS B 244 3.55 -7.63 -20.15
CA LYS B 244 2.46 -8.13 -21.04
C LYS B 244 1.09 -8.04 -20.35
N LEU B 245 1.04 -7.74 -19.05
CA LEU B 245 -0.21 -7.74 -18.26
C LEU B 245 -1.04 -6.49 -18.58
N ARG B 246 -0.39 -5.41 -18.98
CA ARG B 246 -0.91 -4.02 -18.87
C ARG B 246 -1.81 -3.70 -20.06
ZN ZN C . -8.46 7.92 -8.32
ZN ZN D . -11.16 10.23 -8.40
ZN ZN E . -2.73 3.58 -12.60
S SO4 F . -23.80 -3.52 5.82
O1 SO4 F . -23.92 -4.85 6.37
O2 SO4 F . -24.93 -2.74 6.25
O3 SO4 F . -23.77 -3.63 4.39
O4 SO4 F . -22.59 -2.90 6.29
S SO4 G . -28.14 9.45 -12.89
O1 SO4 G . -28.57 8.58 -13.94
O2 SO4 G . -29.03 9.30 -11.77
O3 SO4 G . -26.79 9.10 -12.51
O4 SO4 G . -28.16 10.81 -13.36
S SO4 H . -22.92 3.26 10.69
O1 SO4 H . -23.67 2.07 10.34
O2 SO4 H . -23.21 3.61 12.06
O3 SO4 H . -21.51 3.00 10.55
O4 SO4 H . -23.31 4.35 9.82
S SO4 I . -15.39 33.38 7.74
O1 SO4 I . -16.06 32.17 8.12
O2 SO4 I . -16.32 34.48 7.81
O3 SO4 I . -14.91 33.25 6.39
O4 SO4 I . -14.28 33.63 8.63
S SO4 J . 10.03 12.14 4.76
O1 SO4 J . 8.71 11.57 4.77
O2 SO4 J . 10.05 13.40 5.45
O3 SO4 J . 10.94 11.22 5.40
O4 SO4 J . 10.44 12.34 3.38
C4 E1C K . -13.54 9.13 -11.98
C5 E1C K . -13.54 10.18 -14.21
C6 E1C K . -10.50 10.21 -13.83
N1 E1C K . -12.84 9.65 -13.02
C2 E1C K . -11.25 9.06 -11.51
O4 E1C K . -12.25 8.42 -8.62
C10 E1C K . -12.85 8.07 -9.65
O3 E1C K . -13.82 7.19 -9.59
C3 E1C K . -12.55 8.69 -10.96
S1 E1C K . -9.79 8.71 -10.80
O2 E1C K . -9.83 7.31 -10.66
N2 E1C K . -9.51 9.43 -9.38
O1 E1C K . -8.76 9.10 -11.73
C8 E1C K . -15.04 8.97 -11.90
C9 E1C K . -15.70 10.32 -11.84
C1 E1C K . -11.49 9.68 -12.84
C7 E1C K . -10.06 9.06 -14.70
ZN ZN L . 0.97 -14.94 -2.63
ZN ZN M . 3.04 -17.67 -3.41
ZN ZN N . -6.78 -12.08 -1.38
C4 E1C O . 0.79 -19.92 -6.51
C5 E1C O . -0.57 -21.98 -6.21
C6 E1C O . -1.56 -20.55 -3.68
N1 E1C O . -0.12 -20.64 -5.80
C2 E1C O . 0.16 -18.71 -4.62
O4 E1C O . 2.66 -17.00 -5.50
C10 E1C O . 1.93 -17.58 -6.28
O3 E1C O . 2.01 -17.32 -7.57
C3 E1C O . 0.99 -18.64 -5.81
S1 E1C O . -0.07 -17.49 -3.54
O2 E1C O . -1.15 -17.86 -2.66
N2 E1C O . 1.26 -17.10 -2.71
O1 E1C O . -0.53 -16.41 -4.39
C8 E1C O . 1.48 -20.33 -7.80
C9 E1C O . 2.43 -21.48 -7.57
C1 E1C O . -0.57 -20.00 -4.68
C7 E1C O . -2.99 -20.29 -4.10
#